data_1AGA
# 
_entry.id   1AGA 
# 
_audit_conform.dict_name       mmcif_pdbx.dic 
_audit_conform.dict_version    5.385 
_audit_conform.dict_location   http://mmcif.pdb.org/dictionaries/ascii/mmcif_pdbx.dic 
# 
loop_
_database_2.database_id 
_database_2.database_code 
_database_2.pdbx_database_accession 
_database_2.pdbx_DOI 
PDB   1AGA         pdb_00001aga 10.2210/pdb1aga/pdb 
WWPDB D_1000170779 ?            ?                   
# 
loop_
_pdbx_audit_revision_history.ordinal 
_pdbx_audit_revision_history.data_content_type 
_pdbx_audit_revision_history.major_revision 
_pdbx_audit_revision_history.minor_revision 
_pdbx_audit_revision_history.revision_date 
1 'Structure model' 1 0 1980-03-28 
2 'Structure model' 1 1 2008-03-21 
3 'Structure model' 1 2 2011-07-13 
4 'Structure model' 2 0 2020-07-29 
5 'Structure model' 2 1 2024-02-07 
# 
loop_
_pdbx_audit_revision_details.ordinal 
_pdbx_audit_revision_details.revision_ordinal 
_pdbx_audit_revision_details.data_content_type 
_pdbx_audit_revision_details.provider 
_pdbx_audit_revision_details.type 
_pdbx_audit_revision_details.description 
_pdbx_audit_revision_details.details 
1 1 'Structure model' repository 'Initial release' ?                          ? 
2 4 'Structure model' repository Remediation       'Carbohydrate remediation' ? 
# 
loop_
_pdbx_audit_revision_group.ordinal 
_pdbx_audit_revision_group.revision_ordinal 
_pdbx_audit_revision_group.data_content_type 
_pdbx_audit_revision_group.group 
1  2 'Structure model' 'Version format compliance' 
2  3 'Structure model' 'Version format compliance' 
3  4 'Structure model' Advisory                    
4  4 'Structure model' 'Atomic model'              
5  4 'Structure model' 'Data collection'           
6  4 'Structure model' 'Database references'       
7  4 'Structure model' 'Derived calculations'      
8  4 'Structure model' Other                       
9  4 'Structure model' 'Structure summary'         
10 5 'Structure model' 'Data collection'           
11 5 'Structure model' 'Database references'       
12 5 'Structure model' 'Structure summary'         
# 
loop_
_pdbx_audit_revision_category.ordinal 
_pdbx_audit_revision_category.revision_ordinal 
_pdbx_audit_revision_category.data_content_type 
_pdbx_audit_revision_category.category 
1  4 'Structure model' atom_site                     
2  4 'Structure model' chem_comp                     
3  4 'Structure model' entity                        
4  4 'Structure model' pdbx_branch_scheme            
5  4 'Structure model' pdbx_chem_comp_identifier     
6  4 'Structure model' pdbx_database_status          
7  4 'Structure model' pdbx_entity_branch            
8  4 'Structure model' pdbx_entity_branch_descriptor 
9  4 'Structure model' pdbx_entity_branch_link       
10 4 'Structure model' pdbx_entity_branch_list       
11 4 'Structure model' pdbx_entity_nonpoly           
12 4 'Structure model' pdbx_nonpoly_scheme           
13 4 'Structure model' pdbx_struct_assembly          
14 4 'Structure model' pdbx_struct_oper_list         
15 4 'Structure model' pdbx_unobs_or_zero_occ_atoms  
16 4 'Structure model' struct_asym                   
17 4 'Structure model' struct_conn                   
18 4 'Structure model' struct_ref                    
19 4 'Structure model' struct_ref_seq                
20 5 'Structure model' chem_comp                     
21 5 'Structure model' chem_comp_atom                
22 5 'Structure model' chem_comp_bond                
23 5 'Structure model' database_2                    
# 
loop_
_pdbx_audit_revision_item.ordinal 
_pdbx_audit_revision_item.revision_ordinal 
_pdbx_audit_revision_item.data_content_type 
_pdbx_audit_revision_item.item 
1  4 'Structure model' '_atom_site.Cartn_x'                         
2  4 'Structure model' '_atom_site.Cartn_y'                         
3  4 'Structure model' '_atom_site.Cartn_z'                         
4  4 'Structure model' '_atom_site.auth_atom_id'                    
5  4 'Structure model' '_atom_site.auth_comp_id'                    
6  4 'Structure model' '_atom_site.auth_seq_id'                     
7  4 'Structure model' '_atom_site.label_asym_id'                   
8  4 'Structure model' '_atom_site.label_atom_id'                   
9  4 'Structure model' '_atom_site.label_comp_id'                   
10 4 'Structure model' '_atom_site.label_entity_id'                 
11 4 'Structure model' '_atom_site.type_symbol'                     
12 4 'Structure model' '_chem_comp.name'                            
13 4 'Structure model' '_chem_comp.type'                            
14 4 'Structure model' '_pdbx_database_status.process_site'         
15 4 'Structure model' '_pdbx_unobs_or_zero_occ_atoms.auth_seq_id'  
16 4 'Structure model' '_pdbx_unobs_or_zero_occ_atoms.label_seq_id' 
17 4 'Structure model' '_struct_conn.pdbx_dist_value'               
18 4 'Structure model' '_struct_conn.pdbx_leaving_atom_flag'        
19 4 'Structure model' '_struct_conn.ptnr1_auth_comp_id'            
20 4 'Structure model' '_struct_conn.ptnr1_label_asym_id'           
21 4 'Structure model' '_struct_conn.ptnr1_label_atom_id'           
22 4 'Structure model' '_struct_conn.ptnr1_label_comp_id'           
23 4 'Structure model' '_struct_conn.ptnr2_auth_comp_id'            
24 4 'Structure model' '_struct_conn.ptnr2_label_asym_id'           
25 4 'Structure model' '_struct_conn.ptnr2_label_atom_id'           
26 4 'Structure model' '_struct_conn.ptnr2_label_comp_id'           
27 5 'Structure model' '_chem_comp.pdbx_synonyms'                   
28 5 'Structure model' '_database_2.pdbx_DOI'                       
29 5 'Structure model' '_database_2.pdbx_database_accession'        
# 
_pdbx_database_status.status_code                     REL 
_pdbx_database_status.entry_id                        1AGA 
_pdbx_database_status.recvd_initial_deposition_date   1978-05-23 
_pdbx_database_status.deposit_site                    ? 
_pdbx_database_status.process_site                    BNL 
_pdbx_database_status.SG_entry                        . 
_pdbx_database_status.pdb_format_compatible           Y 
_pdbx_database_status.status_code_mr                  ? 
_pdbx_database_status.status_code_sf                  ? 
_pdbx_database_status.status_code_cs                  ? 
_pdbx_database_status.status_code_nmr_data            ? 
_pdbx_database_status.methods_development_category    ? 
# 
_audit_author.name           'Arnott, S.' 
_audit_author.pdbx_ordinal   1 
# 
loop_
_citation.id 
_citation.title 
_citation.journal_abbrev 
_citation.journal_volume 
_citation.page_first 
_citation.page_last 
_citation.year 
_citation.journal_id_ASTM 
_citation.country 
_citation.journal_id_ISSN 
_citation.journal_id_CSD 
_citation.book_publisher 
_citation.pdbx_database_id_PubMed 
_citation.pdbx_database_id_DOI 
primary 'The agarose double helix and its function in agarose gel structure.' J.Mol.Biol.                  90 269 284 1974 JMOBAK 
UK 0022-2836 0070 ? 4453017 '10.1016/0022-2836(74)90372-6' 
1       
'Accurate X-Ray Diffraction Analysis of Fibrous Polysaccharides Containing Pyranose Rings. Part 1. The Linked-Atom Approach.' 
'J.Chem.Soc.,Perkin Trans.2' ?  324 ?   1972 JCPKBH UK 0300-9580 0188 ? ?       ?                              
# 
loop_
_citation_author.citation_id 
_citation_author.name 
_citation_author.ordinal 
_citation_author.identifier_ORCID 
primary 'Arnott, S.'    1 ? 
primary 'Fulmer, A.'    2 ? 
primary 'Scott, W.E.'   3 ? 
primary 'Dea, I.C.'     4 ? 
primary 'Moorhouse, R.' 5 ? 
primary 'Rees, D.A.'    6 ? 
1       'Arnott, S.'    7 ? 
1       'Scott, W.E.'   8 ? 
# 
_entity.id                         1 
_entity.type                       branched 
_entity.src_method                 man 
_entity.pdbx_description           
;beta-D-galactopyranose-(1-4)-3,6-anhydro-alpha-L-galactopyranose-(1-3)-beta-D-galactopyranose-(1-4)-3,6-anhydro-alpha-L-galactopyranose-(1-3)-beta-D-galactopyranose-(1-4)-3,6-anhydro-alpha-L-galactopyranose
;
_entity.formula_weight             936.815 
_entity.pdbx_number_of_molecules   2 
_entity.pdbx_ec                    ? 
_entity.pdbx_mutation              ? 
_entity.pdbx_fragment              ? 
_entity.details                    ? 
# 
_pdbx_entity_branch.entity_id   1 
_pdbx_entity_branch.type        oligosaccharide 
# 
loop_
_pdbx_entity_branch_descriptor.ordinal 
_pdbx_entity_branch_descriptor.entity_id 
_pdbx_entity_branch_descriptor.descriptor 
_pdbx_entity_branch_descriptor.type 
_pdbx_entity_branch_descriptor.program 
_pdbx_entity_branch_descriptor.program_version 
1 1 'WURCS=2.0/2,6,5/[a1221h-1a_1-5_3-6][a2112h-1b_1-5]/1-2-1-2-1-2/a4-b1_b3-c1_c4-d1_d3-e1_e4-f1' WURCS  PDB2Glycan 1.1.0 
2 1 '[][&lt;C30O21&gt;]{[(1+1)][b-D-Galp]{}}'                                                      LINUCS PDB-CARE   ?     
# 
loop_
_pdbx_entity_branch_link.link_id 
_pdbx_entity_branch_link.entity_id 
_pdbx_entity_branch_link.entity_branch_list_num_1 
_pdbx_entity_branch_link.comp_id_1 
_pdbx_entity_branch_link.atom_id_1 
_pdbx_entity_branch_link.leaving_atom_id_1 
_pdbx_entity_branch_link.entity_branch_list_num_2 
_pdbx_entity_branch_link.comp_id_2 
_pdbx_entity_branch_link.atom_id_2 
_pdbx_entity_branch_link.leaving_atom_id_2 
_pdbx_entity_branch_link.value_order 
_pdbx_entity_branch_link.details 
1 1 2 GAL C1 O1 1 AAL O4 HO4 sing ? 
2 1 3 AAL C1 O1 2 GAL O3 HO3 sing ? 
3 1 4 GAL C1 O1 3 AAL O4 HO4 sing ? 
4 1 5 AAL C1 O1 4 GAL O3 HO3 sing ? 
5 1 6 GAL C1 O1 5 AAL O4 HO4 sing ? 
# 
loop_
_chem_comp.id 
_chem_comp.type 
_chem_comp.mon_nstd_flag 
_chem_comp.name 
_chem_comp.pdbx_synonyms 
_chem_comp.formula 
_chem_comp.formula_weight 
AAL 'L-saccharide, alpha linking' . 3,6-anhydro-alpha-L-galactopyranose 
'3,6-ANHYDRO-L-GALACTOSE; 3,6-anhydro-alpha-L-galactose; 3,6-anhydro-galactose' 'C6 H10 O5' 162.141 
GAL 'D-saccharide, beta linking'  . beta-D-galactopyranose              'beta-D-galactose; D-galactose; galactose' 'C6 H12 O6' 
180.156 
# 
loop_
_pdbx_chem_comp_identifier.comp_id 
_pdbx_chem_comp_identifier.type 
_pdbx_chem_comp_identifier.program 
_pdbx_chem_comp_identifier.program_version 
_pdbx_chem_comp_identifier.identifier 
GAL 'CONDENSED IUPAC CARBOHYDRATE SYMBOL' GMML     1.0 DGalpb              
GAL 'COMMON NAME'                         GMML     1.0 b-D-galactopyranose 
GAL 'IUPAC CARBOHYDRATE SYMBOL'           PDB-CARE 1.0 b-D-Galp            
GAL 'SNFG CARBOHYDRATE SYMBOL'            GMML     1.0 Gal                 
# 
loop_
_pdbx_branch_scheme.asym_id 
_pdbx_branch_scheme.entity_id 
_pdbx_branch_scheme.mon_id 
_pdbx_branch_scheme.num 
_pdbx_branch_scheme.pdb_asym_id 
_pdbx_branch_scheme.pdb_mon_id 
_pdbx_branch_scheme.pdb_seq_num 
_pdbx_branch_scheme.auth_asym_id 
_pdbx_branch_scheme.auth_mon_id 
_pdbx_branch_scheme.auth_seq_num 
_pdbx_branch_scheme.hetero 
A 1 AAL 1 A AAL 1 A AGL 6 n 
A 1 GAL 2 A GAL 2 A GAL 5 n 
A 1 AAL 3 A AAL 3 A AGL 4 n 
A 1 GAL 4 A GAL 4 A GAL 3 n 
A 1 AAL 5 A AAL 5 A AGL 2 n 
A 1 GAL 6 A GAL 6 A GAL 1 n 
B 1 AAL 1 B AAL 1 B AGL 6 n 
B 1 GAL 2 B GAL 2 B GAL 5 n 
B 1 AAL 3 B AAL 3 B AGL 4 n 
B 1 GAL 4 B GAL 4 B GAL 3 n 
B 1 AAL 5 B AAL 5 B AGL 2 n 
B 1 GAL 6 B GAL 6 B GAL 1 n 
# 
loop_
_pdbx_unobs_or_zero_occ_atoms.id 
_pdbx_unobs_or_zero_occ_atoms.PDB_model_num 
_pdbx_unobs_or_zero_occ_atoms.polymer_flag 
_pdbx_unobs_or_zero_occ_atoms.occupancy_flag 
_pdbx_unobs_or_zero_occ_atoms.auth_asym_id 
_pdbx_unobs_or_zero_occ_atoms.auth_comp_id 
_pdbx_unobs_or_zero_occ_atoms.auth_seq_id 
_pdbx_unobs_or_zero_occ_atoms.PDB_ins_code 
_pdbx_unobs_or_zero_occ_atoms.auth_atom_id 
_pdbx_unobs_or_zero_occ_atoms.label_alt_id 
_pdbx_unobs_or_zero_occ_atoms.label_asym_id 
_pdbx_unobs_or_zero_occ_atoms.label_comp_id 
_pdbx_unobs_or_zero_occ_atoms.label_seq_id 
_pdbx_unobs_or_zero_occ_atoms.label_atom_id 
1 1 N 1 A AAL 1 ? O1 ? A AAL 1 O1 
2 1 N 1 B AAL 1 ? O1 ? B AAL 1 O1 
# 
_software.classification   refinement 
_software.name             A 
_software.version          'LINKED-ATOM LEAST-SQUARES MODEL-BUILDING PROCEDURE' 
_software.citation_id      ? 
_software.pdbx_ordinal     1 
# 
_cell.entry_id           1AGA 
_cell.length_a           1.000 
_cell.length_b           1.000 
_cell.length_c           1.000 
_cell.angle_alpha        90.00 
_cell.angle_beta         90.00 
_cell.angle_gamma        90.00 
_cell.Z_PDB              1 
_cell.pdbx_unique_axis   ? 
# 
_symmetry.entry_id                         1AGA 
_symmetry.space_group_name_H-M             'P 1' 
_symmetry.pdbx_full_space_group_name_H-M   ? 
_symmetry.cell_setting                     ? 
_symmetry.Int_Tables_number                1 
# 
_exptl.entry_id          1AGA 
_exptl.method            'FIBER DIFFRACTION' 
_exptl.crystals_number   ? 
# 
_refine.entry_id                                 1AGA 
_refine.ls_number_reflns_obs                     ? 
_refine.ls_number_reflns_all                     ? 
_refine.pdbx_ls_sigma_I                          ? 
_refine.pdbx_ls_sigma_F                          ? 
_refine.pdbx_data_cutoff_high_absF               ? 
_refine.pdbx_data_cutoff_low_absF                ? 
_refine.pdbx_data_cutoff_high_rms_absF           ? 
_refine.ls_d_res_low                             ? 
_refine.ls_d_res_high                            3.0 
_refine.ls_percent_reflns_obs                    ? 
_refine.ls_R_factor_obs                          ? 
_refine.ls_R_factor_all                          ? 
_refine.ls_R_factor_R_work                       ? 
_refine.ls_R_factor_R_free                       ? 
_refine.ls_R_factor_R_free_error                 ? 
_refine.ls_R_factor_R_free_error_details         ? 
_refine.ls_percent_reflns_R_free                 ? 
_refine.ls_number_reflns_R_free                  ? 
_refine.ls_number_parameters                     ? 
_refine.ls_number_restraints                     ? 
_refine.occupancy_min                            ? 
_refine.occupancy_max                            ? 
_refine.B_iso_mean                               ? 
_refine.aniso_B[1][1]                            ? 
_refine.aniso_B[2][2]                            ? 
_refine.aniso_B[3][3]                            ? 
_refine.aniso_B[1][2]                            ? 
_refine.aniso_B[1][3]                            ? 
_refine.aniso_B[2][3]                            ? 
_refine.solvent_model_details                    ? 
_refine.solvent_model_param_ksol                 ? 
_refine.solvent_model_param_bsol                 ? 
_refine.pdbx_ls_cross_valid_method               ? 
_refine.details                                  
;THE TWELVE-RESIDUE CHAIN SEGMENT GIVEN HERE WAS GENERATED
FROM THE PUBLISHED TWO-RESIDUE SEGMENT BY APPLICATION OF
THE CYLINDRICAL-POLAR COORDINATE TRANSFORMATIONS GIVEN IN
THE *JRNL* REFERENCE.  THESE WERE CONVERTED TO CARTESIAN
COORDINATES IN THE NORMAL WAY AND THEN TRANSFORMED FROM
PICOMETERS TO ANGSTROMS BY APPLICATION OF THE INVERSE OF
THE *ORIGX* TRANSFORMATION GIVEN BELOW.
;
_refine.pdbx_starting_model                      ? 
_refine.pdbx_method_to_determine_struct          ? 
_refine.pdbx_isotropic_thermal_model             ? 
_refine.pdbx_stereochemistry_target_values       ? 
_refine.pdbx_stereochem_target_val_spec_case     ? 
_refine.pdbx_R_Free_selection_details            ? 
_refine.pdbx_overall_ESU_R                       ? 
_refine.pdbx_overall_ESU_R_Free                  ? 
_refine.overall_SU_ML                            ? 
_refine.overall_SU_B                             ? 
_refine.pdbx_refine_id                           'FIBER DIFFRACTION' 
_refine.pdbx_diffrn_id                           1 
_refine.pdbx_TLS_residual_ADP_flag               ? 
_refine.correlation_coeff_Fo_to_Fc               ? 
_refine.correlation_coeff_Fo_to_Fc_free          ? 
_refine.pdbx_solvent_vdw_probe_radii             ? 
_refine.pdbx_solvent_ion_probe_radii             ? 
_refine.pdbx_solvent_shrinkage_radii             ? 
_refine.pdbx_overall_phase_error                 ? 
_refine.overall_SU_R_Cruickshank_DPI             ? 
_refine.pdbx_overall_SU_R_free_Cruickshank_DPI   ? 
_refine.pdbx_overall_SU_R_Blow_DPI               ? 
_refine.pdbx_overall_SU_R_free_Blow_DPI          ? 
# 
_refine_hist.pdbx_refine_id                   'FIBER DIFFRACTION' 
_refine_hist.cycle_id                         LAST 
_refine_hist.pdbx_number_atoms_protein        0 
_refine_hist.pdbx_number_atoms_nucleic_acid   0 
_refine_hist.pdbx_number_atoms_ligand         126 
_refine_hist.number_atoms_solvent             0 
_refine_hist.number_atoms_total               126 
_refine_hist.d_res_high                       3.0 
_refine_hist.d_res_low                        . 
# 
_struct.entry_id                  1AGA 
_struct.title                     'THE AGAROSE DOUBLE HELIX AND ITS FUNCTION IN AGAROSE GEL STRUCTURE' 
_struct.pdbx_model_details        ? 
_struct.pdbx_CASP_flag            ? 
_struct.pdbx_model_type_details   ? 
# 
_struct_keywords.entry_id        1AGA 
_struct_keywords.pdbx_keywords   'TEXTURE OF CONNECTIVE TISSUE' 
_struct_keywords.text            'TEXTURE OF CONNECTIVE TISSUE' 
# 
loop_
_struct_asym.id 
_struct_asym.pdbx_blank_PDB_chainid_flag 
_struct_asym.pdbx_modified 
_struct_asym.entity_id 
_struct_asym.details 
A N N 1 ? 
B N N 1 ? 
# 
_pdbx_struct_assembly.id                   1 
_pdbx_struct_assembly.details              author_defined_assembly 
_pdbx_struct_assembly.method_details       ? 
_pdbx_struct_assembly.oligomeric_details   ? 
_pdbx_struct_assembly.oligomeric_count     ? 
# 
_pdbx_struct_assembly_gen.assembly_id       1 
_pdbx_struct_assembly_gen.oper_expression   1 
_pdbx_struct_assembly_gen.asym_id_list      A,B 
# 
_pdbx_struct_oper_list.id                   1 
_pdbx_struct_oper_list.type                 'identity operation' 
_pdbx_struct_oper_list.name                 1_555 
_pdbx_struct_oper_list.symmetry_operation   x,y,z 
_pdbx_struct_oper_list.matrix[1][1]         1.0000000000 
_pdbx_struct_oper_list.matrix[1][2]         0.0000000000 
_pdbx_struct_oper_list.matrix[1][3]         0.0000000000 
_pdbx_struct_oper_list.vector[1]            0.0000000000 
_pdbx_struct_oper_list.matrix[2][1]         0.0000000000 
_pdbx_struct_oper_list.matrix[2][2]         1.0000000000 
_pdbx_struct_oper_list.matrix[2][3]         0.0000000000 
_pdbx_struct_oper_list.vector[2]            0.0000000000 
_pdbx_struct_oper_list.matrix[3][1]         0.0000000000 
_pdbx_struct_oper_list.matrix[3][2]         0.0000000000 
_pdbx_struct_oper_list.matrix[3][3]         1.0000000000 
_pdbx_struct_oper_list.vector[3]            0.0000000000 
# 
loop_
_struct_conn.id 
_struct_conn.conn_type_id 
_struct_conn.pdbx_leaving_atom_flag 
_struct_conn.pdbx_PDB_id 
_struct_conn.ptnr1_label_asym_id 
_struct_conn.ptnr1_label_comp_id 
_struct_conn.ptnr1_label_seq_id 
_struct_conn.ptnr1_label_atom_id 
_struct_conn.pdbx_ptnr1_label_alt_id 
_struct_conn.pdbx_ptnr1_PDB_ins_code 
_struct_conn.pdbx_ptnr1_standard_comp_id 
_struct_conn.ptnr1_symmetry 
_struct_conn.ptnr2_label_asym_id 
_struct_conn.ptnr2_label_comp_id 
_struct_conn.ptnr2_label_seq_id 
_struct_conn.ptnr2_label_atom_id 
_struct_conn.pdbx_ptnr2_label_alt_id 
_struct_conn.pdbx_ptnr2_PDB_ins_code 
_struct_conn.ptnr1_auth_asym_id 
_struct_conn.ptnr1_auth_comp_id 
_struct_conn.ptnr1_auth_seq_id 
_struct_conn.ptnr2_auth_asym_id 
_struct_conn.ptnr2_auth_comp_id 
_struct_conn.ptnr2_auth_seq_id 
_struct_conn.ptnr2_symmetry 
_struct_conn.pdbx_ptnr3_label_atom_id 
_struct_conn.pdbx_ptnr3_label_seq_id 
_struct_conn.pdbx_ptnr3_label_comp_id 
_struct_conn.pdbx_ptnr3_label_asym_id 
_struct_conn.pdbx_ptnr3_label_alt_id 
_struct_conn.pdbx_ptnr3_PDB_ins_code 
_struct_conn.details 
_struct_conn.pdbx_dist_value 
_struct_conn.pdbx_value_order 
_struct_conn.pdbx_role 
covale1  covale one  ? A AAL . O4 ? ? ? 1_555 A GAL . C1 ? ? A AAL 1 A GAL 2 1_555 ? ? ? ? ? ? ? 1.389 ? ? 
covale2  covale both ? A GAL . O3 ? ? ? 1_555 A AAL . C1 ? ? A GAL 2 A AAL 3 1_555 ? ? ? ? ? ? ? 1.377 ? ? 
covale3  covale one  ? A AAL . O4 ? ? ? 1_555 A GAL . C1 ? ? A AAL 3 A GAL 4 1_555 ? ? ? ? ? ? ? 1.389 ? ? 
covale4  covale both ? A GAL . O3 ? ? ? 1_555 A AAL . C1 ? ? A GAL 4 A AAL 5 1_555 ? ? ? ? ? ? ? 1.378 ? ? 
covale5  covale one  ? A AAL . O4 ? ? ? 1_555 A GAL . C1 ? ? A AAL 5 A GAL 6 1_555 ? ? ? ? ? ? ? 1.389 ? ? 
covale6  covale one  ? B AAL . O4 ? ? ? 1_555 B GAL . C1 ? ? B AAL 1 B GAL 2 1_555 ? ? ? ? ? ? ? 1.389 ? ? 
covale7  covale both ? B GAL . O3 ? ? ? 1_555 B AAL . C1 ? ? B GAL 2 B AAL 3 1_555 ? ? ? ? ? ? ? 1.378 ? ? 
covale8  covale one  ? B AAL . O4 ? ? ? 1_555 B GAL . C1 ? ? B AAL 3 B GAL 4 1_555 ? ? ? ? ? ? ? 1.389 ? ? 
covale9  covale both ? B GAL . O3 ? ? ? 1_555 B AAL . C1 ? ? B GAL 4 B AAL 5 1_555 ? ? ? ? ? ? ? 1.377 ? ? 
covale10 covale one  ? B AAL . O4 ? ? ? 1_555 B GAL . C1 ? ? B AAL 5 B GAL 6 1_555 ? ? ? ? ? ? ? 1.389 ? ? 
# 
_struct_conn_type.id          covale 
_struct_conn_type.criteria    ? 
_struct_conn_type.reference   ? 
# 
loop_
_chem_comp_atom.comp_id 
_chem_comp_atom.atom_id 
_chem_comp_atom.type_symbol 
_chem_comp_atom.pdbx_aromatic_flag 
_chem_comp_atom.pdbx_stereo_config 
_chem_comp_atom.pdbx_ordinal 
AAL C1  C N R 1  
AAL C2  C N S 2  
AAL C3  C N R 3  
AAL C4  C N R 4  
AAL C5  C N S 5  
AAL C6  C N N 6  
AAL O1  O N N 7  
AAL O2  O N N 8  
AAL O3  O N N 9  
AAL O4  O N N 10 
AAL O5  O N N 11 
AAL H1  H N N 12 
AAL H2  H N N 13 
AAL H3  H N N 14 
AAL H4  H N N 15 
AAL H5  H N N 16 
AAL H61 H N N 17 
AAL H62 H N N 18 
AAL HO1 H N N 19 
AAL HO2 H N N 20 
AAL HO4 H N N 21 
GAL C1  C N R 22 
GAL C2  C N R 23 
GAL C3  C N S 24 
GAL C4  C N R 25 
GAL C5  C N R 26 
GAL C6  C N N 27 
GAL O1  O N N 28 
GAL O2  O N N 29 
GAL O3  O N N 30 
GAL O4  O N N 31 
GAL O5  O N N 32 
GAL O6  O N N 33 
GAL H1  H N N 34 
GAL H2  H N N 35 
GAL H3  H N N 36 
GAL H4  H N N 37 
GAL H5  H N N 38 
GAL H61 H N N 39 
GAL H62 H N N 40 
GAL HO1 H N N 41 
GAL HO2 H N N 42 
GAL HO3 H N N 43 
GAL HO4 H N N 44 
GAL HO6 H N N 45 
# 
loop_
_chem_comp_bond.comp_id 
_chem_comp_bond.atom_id_1 
_chem_comp_bond.atom_id_2 
_chem_comp_bond.value_order 
_chem_comp_bond.pdbx_aromatic_flag 
_chem_comp_bond.pdbx_stereo_config 
_chem_comp_bond.pdbx_ordinal 
AAL C1 C2  sing N N 1  
AAL C1 O1  sing N N 2  
AAL C1 O5  sing N N 3  
AAL C1 H1  sing N N 4  
AAL C2 C3  sing N N 5  
AAL C2 O2  sing N N 6  
AAL C2 H2  sing N N 7  
AAL C3 C4  sing N N 8  
AAL C3 O3  sing N N 9  
AAL C3 H3  sing N N 10 
AAL C4 C5  sing N N 11 
AAL C4 O4  sing N N 12 
AAL C4 H4  sing N N 13 
AAL C5 C6  sing N N 14 
AAL C5 O5  sing N N 15 
AAL C5 H5  sing N N 16 
AAL C6 O3  sing N N 17 
AAL C6 H61 sing N N 18 
AAL C6 H62 sing N N 19 
AAL O1 HO1 sing N N 20 
AAL O2 HO2 sing N N 21 
AAL O4 HO4 sing N N 22 
GAL C1 C2  sing N N 23 
GAL C1 O1  sing N N 24 
GAL C1 O5  sing N N 25 
GAL C1 H1  sing N N 26 
GAL C2 C3  sing N N 27 
GAL C2 O2  sing N N 28 
GAL C2 H2  sing N N 29 
GAL C3 C4  sing N N 30 
GAL C3 O3  sing N N 31 
GAL C3 H3  sing N N 32 
GAL C4 C5  sing N N 33 
GAL C4 O4  sing N N 34 
GAL C4 H4  sing N N 35 
GAL C5 C6  sing N N 36 
GAL C5 O5  sing N N 37 
GAL C5 H5  sing N N 38 
GAL C6 O6  sing N N 39 
GAL C6 H61 sing N N 40 
GAL C6 H62 sing N N 41 
GAL O1 HO1 sing N N 42 
GAL O2 HO2 sing N N 43 
GAL O3 HO3 sing N N 44 
GAL O4 HO4 sing N N 45 
GAL O6 HO6 sing N N 46 
# 
loop_
_pdbx_entity_branch_list.entity_id 
_pdbx_entity_branch_list.comp_id 
_pdbx_entity_branch_list.num 
_pdbx_entity_branch_list.hetero 
1 AAL 1 n 
1 GAL 2 n 
1 AAL 3 n 
1 GAL 4 n 
1 AAL 5 n 
1 GAL 6 n 
# 
_atom_sites.entry_id                    1AGA 
_atom_sites.fract_transf_matrix[1][1]   1.000000 
_atom_sites.fract_transf_matrix[1][2]   0.000000 
_atom_sites.fract_transf_matrix[1][3]   0.000000 
_atom_sites.fract_transf_matrix[2][1]   0.000000 
_atom_sites.fract_transf_matrix[2][2]   1.000000 
_atom_sites.fract_transf_matrix[2][3]   0.000000 
_atom_sites.fract_transf_matrix[3][1]   0.000000 
_atom_sites.fract_transf_matrix[3][2]   0.000000 
_atom_sites.fract_transf_matrix[3][3]   1.000000 
_atom_sites.fract_transf_vector[1]      0.00000 
_atom_sites.fract_transf_vector[2]      0.00000 
_atom_sites.fract_transf_vector[3]      0.00000 
# 
loop_
_atom_type.symbol 
C 
O 
# 
loop_
_atom_site.group_PDB 
_atom_site.id 
_atom_site.type_symbol 
_atom_site.label_atom_id 
_atom_site.label_alt_id 
_atom_site.label_comp_id 
_atom_site.label_asym_id 
_atom_site.label_entity_id 
_atom_site.label_seq_id 
_atom_site.pdbx_PDB_ins_code 
_atom_site.Cartn_x 
_atom_site.Cartn_y 
_atom_site.Cartn_z 
_atom_site.occupancy 
_atom_site.B_iso_or_equiv 
_atom_site.pdbx_formal_charge 
_atom_site.auth_seq_id 
_atom_site.auth_comp_id 
_atom_site.auth_asym_id 
_atom_site.auth_atom_id 
_atom_site.pdbx_PDB_model_num 
HETATM 1   C C1 . AAL A 1 . ? -1.899 8.291   -2.406 1.00 0.00 ? 1 AAL A C1 1 
HETATM 2   C C2 . AAL A 1 . ? -2.774 8.431   -1.152 1.00 0.00 ? 1 AAL A C2 1 
HETATM 3   C C3 . AAL A 1 . ? -1.864 8.253   0.064  1.00 0.00 ? 1 AAL A C3 1 
HETATM 4   C C4 . AAL A 1 . ? -1.230 6.883   0.049  1.00 0.00 ? 1 AAL A C4 1 
HETATM 5   C C5 . AAL A 1 . ? -0.216 7.171   -1.054 1.00 0.00 ? 1 AAL A C5 1 
HETATM 6   C C6 . AAL A 1 . ? 0.302  8.538   -0.651 1.00 0.00 ? 1 AAL A C6 1 
HETATM 7   O O2 . AAL A 1 . ? -3.797 7.439   -1.103 1.00 0.00 ? 1 AAL A O2 1 
HETATM 8   O O3 . AAL A 1 . ? -0.808 9.195   0.009  1.00 0.00 ? 1 AAL A O3 1 
HETATM 9   O O4 . AAL A 1 . ? -0.518 6.607   1.251  1.00 0.00 ? 1 AAL A O4 1 
HETATM 10  O O5 . AAL A 1 . ? -0.953 7.197   -2.306 1.00 0.00 ? 1 AAL A O5 1 
HETATM 11  C C1 . GAL A 1 . ? -0.608 5.311   1.743  1.00 0.00 ? 2 GAL A C1 1 
HETATM 12  C C2 . GAL A 1 . ? 0.786  4.700   1.746  1.00 0.00 ? 2 GAL A C2 1 
HETATM 13  C C3 . GAL A 1 . ? 0.770  3.330   2.409  1.00 0.00 ? 2 GAL A C3 1 
HETATM 14  C C4 . GAL A 1 . ? 0.130  3.420   3.788  1.00 0.00 ? 2 GAL A C4 1 
HETATM 15  C C5 . GAL A 1 . ? -1.228 4.106   3.698  1.00 0.00 ? 2 GAL A C5 1 
HETATM 16  C C6 . GAL A 1 . ? -1.867 4.328   5.052  1.00 0.00 ? 2 GAL A C6 1 
HETATM 17  O O2 . GAL A 1 . ? 1.263  4.608   0.410  1.00 0.00 ? 2 GAL A O2 1 
HETATM 18  O O3 . GAL A 1 . ? 2.168  2.838   2.568  1.00 0.00 ? 2 GAL A O3 1 
HETATM 19  O O4 . GAL A 1 . ? 0.962  4.170   4.672  1.00 0.00 ? 2 GAL A O4 1 
HETATM 20  O O5 . GAL A 1 . ? -1.095 5.397   3.083  1.00 0.00 ? 2 GAL A O5 1 
HETATM 21  O O6 . GAL A 1 . ? -2.255 3.097   5.644  1.00 0.00 ? 2 GAL A O6 1 
HETATM 22  C C1 . AAL A 1 . ? 2.682  2.242   1.439  1.00 0.00 ? 3 AAL A C1 1 
HETATM 23  C C2 . AAL A 1 . ? 4.053  1.647   1.799  1.00 0.00 ? 3 AAL A C2 1 
HETATM 24  C C3 . AAL A 1 . ? 4.390  0.597   0.738  1.00 0.00 ? 3 AAL A C3 1 
HETATM 25  C C4 . AAL A 1 . ? 3.353  -0.500  0.738  1.00 0.00 ? 3 AAL A C4 1 
HETATM 26  C C5 . AAL A 1 . ? 2.254  0.297   0.044  1.00 0.00 ? 3 AAL A C5 1 
HETATM 27  C C6 . AAL A 1 . ? 3.022  0.984   -1.069 1.00 0.00 ? 3 AAL A C6 1 
HETATM 28  O O2 . AAL A 1 . ? 4.039  1.013   3.076  1.00 0.00 ? 3 AAL A O2 1 
HETATM 29  O O3 . AAL A 1 . ? 4.356  1.193   -0.547 1.00 0.00 ? 3 AAL A O3 1 
HETATM 30  O O4 . AAL A 1 . ? 3.721  -1.587  -0.107 1.00 0.00 ? 3 AAL A O4 1 
HETATM 31  O O5 . AAL A 1 . ? 1.730  1.232   1.024  1.00 0.00 ? 3 AAL A O5 1 
HETATM 32  C C1 . GAL A 1 . ? 3.420  -2.862  0.355  1.00 0.00 ? 4 GAL A C1 1 
HETATM 33  C C2 . GAL A 1 . ? 2.446  -3.509  -0.617 1.00 0.00 ? 4 GAL A C2 1 
HETATM 34  C C3 . GAL A 1 . ? 2.192  -4.960  -0.238 1.00 0.00 ? 4 GAL A C3 1 
HETATM 35  C C4 . GAL A 1 . ? 3.513  -5.706  -0.098 1.00 0.00 ? 4 GAL A C4 1 
HETATM 36  C C5 . GAL A 1 . ? 4.450  -4.951  0.838  1.00 0.00 ? 4 GAL A C5 1 
HETATM 37  C C6 . GAL A 1 . ? 5.823  -5.583  0.931  1.00 0.00 ? 4 GAL A C6 1 
HETATM 38  O O2 . GAL A 1 . ? 1.231  -2.771  -0.626 1.00 0.00 ? 4 GAL A O2 1 
HETATM 39  O O3 . GAL A 1 . ? 1.388  -5.621  -1.305 1.00 0.00 ? 4 GAL A O3 1 
HETATM 40  O O4 . GAL A 1 . ? 4.145  -5.835  -1.370 1.00 0.00 ? 4 GAL A O4 1 
HETATM 41  O O5 . GAL A 1 . ? 4.641  -3.605  0.374  1.00 0.00 ? 4 GAL A O5 1 
HETATM 42  O O6 . GAL A 1 . ? 5.768  -6.834  1.599  1.00 0.00 ? 4 GAL A O6 1 
HETATM 43  C C1 . AAL A 1 . ? 0.033  -5.399  -1.202 1.00 0.00 ? 5 AAL A C1 1 
HETATM 44  C C2 . AAL A 1 . ? -0.671 -6.262  -2.259 1.00 0.00 ? 5 AAL A C2 1 
HETATM 45  C C3 . AAL A 1 . ? -2.136 -6.399  -1.838 1.00 0.00 ? 5 AAL A C3 1 
HETATM 46  C C4 . AAL A 1 . ? -2.233 -7.078  -0.493 1.00 0.00 ? 5 AAL A C4 1 
HETATM 47  C C5 . AAL A 1 . ? -1.785 -5.881  0.339  1.00 0.00 ? 5 AAL A C5 1 
HETATM 48  C C6 . AAL A 1 . ? -2.565 -4.747  -0.298 1.00 0.00 ? 5 AAL A C6 1 
HETATM 49  O O2 . AAL A 1 . ? -0.101 -7.567  -2.348 1.00 0.00 ? 5 AAL A O2 1 
HETATM 50  O O3 . AAL A 1 . ? -2.710 -5.112  -1.692 1.00 0.00 ? 5 AAL A O3 1 
HETATM 51  O O4 . AAL A 1 . ? -3.580 -7.386  -0.144 1.00 0.00 ? 5 AAL A O4 1 
HETATM 52  O O5 . AAL A 1 . ? -0.350 -5.751  0.151  1.00 0.00 ? 5 AAL A O5 1 
HETATM 53  C C1 . GAL A 1 . ? -3.791 -8.599  0.502  1.00 0.00 ? 6 GAL A C1 1 
HETATM 54  C C2 . GAL A 1 . ? -4.364 -8.315  1.882  1.00 0.00 ? 6 GAL A C2 1 
HETATM 55  C C3 . GAL A 1 . ? -4.750 -9.611  2.580  1.00 0.00 ? 6 GAL A C3 1 
HETATM 56  C C4 . GAL A 1 . ? -5.667 -10.437 1.687  1.00 0.00 ? 6 GAL A C4 1 
HETATM 57  C C5 . GAL A 1 . ? -5.043 -10.612 0.307  1.00 0.00 ? 6 GAL A C5 1 
HETATM 58  C C6 . GAL A 1 . ? -5.957 -11.329 -0.665 1.00 0.00 ? 6 GAL A C6 1 
HETATM 59  O O2 . GAL A 1 . ? -3.409 -7.594  2.649  1.00 0.00 ? 6 GAL A O2 1 
HETATM 60  O O3 . GAL A 1 . ? -5.479 -9.307  3.847  1.00 0.00 ? 6 GAL A O3 1 
HETATM 61  O O4 . GAL A 1 . ? -6.929 -9.790  1.539  1.00 0.00 ? 6 GAL A O4 1 
HETATM 62  O O5 . GAL A 1 . ? -4.745 -9.331  -0.271 1.00 0.00 ? 6 GAL A O5 1 
HETATM 63  O O6 . GAL A 1 . ? -6.126 -12.690 -0.300 1.00 0.00 ? 6 GAL A O6 1 
HETATM 64  C C1 . AAL B 1 . ? 4.055  10.872  -2.209 1.00 0.00 ? 1 AAL B C1 1 
HETATM 65  C C2 . AAL B 1 . ? 5.425  10.278  -1.849 1.00 0.00 ? 1 AAL B C2 1 
HETATM 66  C C3 . AAL B 1 . ? 5.762  9.228   -2.910 1.00 0.00 ? 1 AAL B C3 1 
HETATM 67  C C4 . AAL B 1 . ? 4.726  8.130   -2.910 1.00 0.00 ? 1 AAL B C4 1 
HETATM 68  C C5 . AAL B 1 . ? 3.626  8.928   -3.604 1.00 0.00 ? 1 AAL B C5 1 
HETATM 69  C C6 . AAL B 1 . ? 4.394  9.615   -4.717 1.00 0.00 ? 1 AAL B C6 1 
HETATM 70  O O2 . AAL B 1 . ? 5.411  9.644   -0.572 1.00 0.00 ? 1 AAL B O2 1 
HETATM 71  O O3 . AAL B 1 . ? 5.728  9.824   -4.195 1.00 0.00 ? 1 AAL B O3 1 
HETATM 72  O O4 . AAL B 1 . ? 5.093  7.044   -3.755 1.00 0.00 ? 1 AAL B O4 1 
HETATM 73  O O5 . AAL B 1 . ? 3.103  9.863   -2.624 1.00 0.00 ? 1 AAL B O5 1 
HETATM 74  C C1 . GAL B 1 . ? 4.793  5.769   -3.293 1.00 0.00 ? 2 GAL B C1 1 
HETATM 75  C C2 . GAL B 1 . ? 3.818  5.122   -4.265 1.00 0.00 ? 2 GAL B C2 1 
HETATM 76  C C3 . GAL B 1 . ? 3.565  3.670   -3.886 1.00 0.00 ? 2 GAL B C3 1 
HETATM 77  C C4 . GAL B 1 . ? 4.886  2.925   -3.746 1.00 0.00 ? 2 GAL B C4 1 
HETATM 78  C C5 . GAL B 1 . ? 5.823  3.679   -2.809 1.00 0.00 ? 2 GAL B C5 1 
HETATM 79  C C6 . GAL B 1 . ? 7.196  3.048   -2.717 1.00 0.00 ? 2 GAL B C6 1 
HETATM 80  O O2 . GAL B 1 . ? 2.603  5.860   -4.274 1.00 0.00 ? 2 GAL B O2 1 
HETATM 81  O O3 . GAL B 1 . ? 2.765  3.037   -4.965 1.00 0.00 ? 2 GAL B O3 1 
HETATM 82  O O4 . GAL B 1 . ? 5.518  2.796   -5.018 1.00 0.00 ? 2 GAL B O4 1 
HETATM 83  O O5 . GAL B 1 . ? 6.013  5.025   -3.273 1.00 0.00 ? 2 GAL B O5 1 
HETATM 84  O O6 . GAL B 1 . ? 7.141  1.797   -2.049 1.00 0.00 ? 2 GAL B O6 1 
HETATM 85  C C1 . AAL B 1 . ? 1.410  3.260   -4.861 1.00 0.00 ? 3 AAL B C1 1 
HETATM 86  C C2 . AAL B 1 . ? 0.706  2.396   -5.918 1.00 0.00 ? 3 AAL B C2 1 
HETATM 87  C C3 . AAL B 1 . ? -0.759 2.259   -5.497 1.00 0.00 ? 3 AAL B C3 1 
HETATM 88  C C4 . AAL B 1 . ? -0.856 1.580   -4.153 1.00 0.00 ? 3 AAL B C4 1 
HETATM 89  C C5 . AAL B 1 . ? -0.408 2.777   -3.320 1.00 0.00 ? 3 AAL B C5 1 
HETATM 90  C C6 . AAL B 1 . ? -1.188 3.911   -3.957 1.00 0.00 ? 3 AAL B C6 1 
HETATM 91  O O2 . AAL B 1 . ? 1.276  1.091   -6.007 1.00 0.00 ? 3 AAL B O2 1 
HETATM 92  O O3 . AAL B 1 . ? -1.333 3.546   -5.351 1.00 0.00 ? 3 AAL B O3 1 
HETATM 93  O O4 . AAL B 1 . ? -2.203 1.272   -3.803 1.00 0.00 ? 3 AAL B O4 1 
HETATM 94  O O5 . AAL B 1 . ? 1.027  2.907   -3.509 1.00 0.00 ? 3 AAL B O5 1 
HETATM 95  C C1 . GAL B 1 . ? -2.414 0.059   -3.158 1.00 0.00 ? 4 GAL B C1 1 
HETATM 96  C C2 . GAL B 1 . ? -2.987 0.343   -1.778 1.00 0.00 ? 4 GAL B C2 1 
HETATM 97  C C3 . GAL B 1 . ? -3.373 -0.953  -1.079 1.00 0.00 ? 4 GAL B C3 1 
HETATM 98  C C4 . GAL B 1 . ? -4.290 -1.779  -1.972 1.00 0.00 ? 4 GAL B C4 1 
HETATM 99  C C5 . GAL B 1 . ? -3.666 -1.953  -3.352 1.00 0.00 ? 4 GAL B C5 1 
HETATM 100 C C6 . GAL B 1 . ? -4.580 -2.671  -4.324 1.00 0.00 ? 4 GAL B C6 1 
HETATM 101 O O2 . GAL B 1 . ? -2.032 1.064   -1.011 1.00 0.00 ? 4 GAL B O2 1 
HETATM 102 O O3 . GAL B 1 . ? -4.096 -0.613  0.172  1.00 0.00 ? 4 GAL B O3 1 
HETATM 103 O O4 . GAL B 1 . ? -5.552 -1.132  -2.120 1.00 0.00 ? 4 GAL B O4 1 
HETATM 104 O O5 . GAL B 1 . ? -3.368 -0.673  -3.931 1.00 0.00 ? 4 GAL B O5 1 
HETATM 105 O O6 . GAL B 1 . ? -4.749 -4.032  -3.959 1.00 0.00 ? 4 GAL B O6 1 
HETATM 106 C C1 . AAL B 1 . ? -3.270 -0.331  1.238  1.00 0.00 ? 5 AAL B C1 1 
HETATM 107 C C2 . AAL B 1 . ? -4.145 -0.190  2.492  1.00 0.00 ? 5 AAL B C2 1 
HETATM 108 C C3 . AAL B 1 . ? -3.235 -0.369  3.708  1.00 0.00 ? 5 AAL B C3 1 
HETATM 109 C C4 . AAL B 1 . ? -2.601 -1.739  3.693  1.00 0.00 ? 5 AAL B C4 1 
HETATM 110 C C5 . AAL B 1 . ? -1.588 -1.450  2.590  1.00 0.00 ? 5 AAL B C5 1 
HETATM 111 C C6 . AAL B 1 . ? -1.069 -0.083  2.993  1.00 0.00 ? 5 AAL B C6 1 
HETATM 112 O O2 . AAL B 1 . ? -5.168 -1.183  2.541  1.00 0.00 ? 5 AAL B O2 1 
HETATM 113 O O3 . AAL B 1 . ? -2.179 0.573   3.653  1.00 0.00 ? 5 AAL B O3 1 
HETATM 114 O O4 . AAL B 1 . ? -1.889 -2.014  4.895  1.00 0.00 ? 5 AAL B O4 1 
HETATM 115 O O5 . AAL B 1 . ? -2.324 -1.424  1.338  1.00 0.00 ? 5 AAL B O5 1 
HETATM 116 C C1 . GAL B 1 . ? -1.979 -3.311  5.387  1.00 0.00 ? 6 GAL B C1 1 
HETATM 117 C C2 . GAL B 1 . ? -0.585 -3.922  5.390  1.00 0.00 ? 6 GAL B C2 1 
HETATM 118 C C3 . GAL B 1 . ? -0.601 -5.292  6.053  1.00 0.00 ? 6 GAL B C3 1 
HETATM 119 C C4 . GAL B 1 . ? -1.241 -5.202  7.432  1.00 0.00 ? 6 GAL B C4 1 
HETATM 120 C C5 . GAL B 1 . ? -2.599 -4.516  7.342  1.00 0.00 ? 6 GAL B C5 1 
HETATM 121 C C6 . GAL B 1 . ? -3.239 -4.294  8.696  1.00 0.00 ? 6 GAL B C6 1 
HETATM 122 O O2 . GAL B 1 . ? -0.108 -4.014  4.054  1.00 0.00 ? 6 GAL B O2 1 
HETATM 123 O O3 . GAL B 1 . ? 0.787  -5.847  6.239  1.00 0.00 ? 6 GAL B O3 1 
HETATM 124 O O4 . GAL B 1 . ? -0.410 -4.451  8.316  1.00 0.00 ? 6 GAL B O4 1 
HETATM 125 O O5 . GAL B 1 . ? -2.466 -3.224  6.727  1.00 0.00 ? 6 GAL B O5 1 
HETATM 126 O O6 . GAL B 1 . ? -3.626 -5.525  9.288  1.00 0.00 ? 6 GAL B O6 1 
# 
